data_5TS8
#
_entry.id   5TS8
#
_cell.length_a   54.311
_cell.length_b   59.726
_cell.length_c   105.385
_cell.angle_alpha   90.00
_cell.angle_beta   90.00
_cell.angle_gamma   90.00
#
_symmetry.space_group_name_H-M   'P 21 21 21'
#
loop_
_entity.id
_entity.type
_entity.pdbx_description
1 polymer 'Protein kinase CK2 catalytic subunit CK2 alpha-3'
2 non-polymer 5,6-DIBROMOBENZOTRIAZOLE
3 non-polymer 'L(+)-TARTARIC ACID'
4 non-polymer 'FORMIC ACID'
5 non-polymer 'DIMETHYL SULFOXIDE'
6 non-polymer 'ACETATE ION'
7 non-polymer 1,2-ETHANEDIOL
8 non-polymer BETA-MERCAPTOETHANOL
9 non-polymer GLYCEROL
10 water water
#
_entity_poly.entity_id   1
_entity_poly.type   'polypeptide(L)'
_entity_poly.pdbx_seq_one_letter_code
;MSKARVYTDVNVLRPKEYWDYEALTVQWGEQDNYEVVRKVGRGKYSEVFEGINVNNNEKCIIKILKPVKKKKIKREIKIL
QNLYGGPNIVKLLDIVRDQHSKTPSLIFEYVNNTDFKVLYPTLTDYDIRYYIYELLKALDYCHSQGIMHRDVKPHNVMID
HELRKLRLIDWGLAEFYHPGKEYNVRVASRYFKGPELLVDLQDYDYSLDMWSLGCMFAGMIFRKEPFFYGHDNHDQLVKI
AKVLGTDGLNVYLNKYRIELDPQLEALVGRHSRKPWTKFINADNQHLVSHEAIDFLDKLLRYDHQDRLTAREAMTHPYFQ
QVRAAENSTTRALEHHHHHH
;
_entity_poly.pdbx_strand_id   A
#
loop_
_chem_comp.id
_chem_comp.type
_chem_comp.name
_chem_comp.formula
7M0 non-polymer 5,6-DIBROMOBENZOTRIAZOLE 'C6 H3 Br2 N3'
ACT non-polymer 'ACETATE ION' 'C2 H3 O2 -1'
BME non-polymer BETA-MERCAPTOETHANOL 'C2 H6 O S'
DMS non-polymer 'DIMETHYL SULFOXIDE' 'C2 H6 O S'
EDO non-polymer 1,2-ETHANEDIOL 'C2 H6 O2'
FMT non-polymer 'FORMIC ACID' 'C H2 O2'
GOL non-polymer GLYCEROL 'C3 H8 O3'
TLA non-polymer 'L(+)-TARTARIC ACID' 'C4 H6 O6'
#
# COMPACT_ATOMS: atom_id res chain seq x y z
N SER A 2 7.16 -12.89 16.07
CA SER A 2 7.72 -11.74 15.26
C SER A 2 7.15 -10.43 15.76
N LYS A 3 7.99 -9.42 15.80
N LYS A 3 8.02 -9.43 15.80
CA LYS A 3 7.53 -8.04 16.11
CA LYS A 3 7.68 -8.04 16.12
C LYS A 3 8.28 -7.13 15.17
C LYS A 3 8.26 -7.17 15.01
N ALA A 4 7.64 -6.01 14.82
CA ALA A 4 8.21 -4.99 13.91
C ALA A 4 9.53 -4.53 14.50
N ARG A 5 10.51 -4.33 13.60
CA ARG A 5 11.80 -3.78 14.03
C ARG A 5 11.85 -2.26 14.04
N VAL A 6 10.82 -1.59 13.53
CA VAL A 6 10.69 -0.14 13.54
C VAL A 6 9.29 0.21 14.01
N TYR A 7 9.16 1.37 14.63
CA TYR A 7 7.87 1.87 15.10
C TYR A 7 7.11 0.84 15.90
N THR A 8 7.85 0.04 16.67
CA THR A 8 7.24 -1.09 17.34
C THR A 8 6.14 -0.72 18.30
N ASP A 9 6.40 0.30 19.13
CA ASP A 9 5.62 0.62 20.32
C ASP A 9 4.83 1.89 20.22
N VAL A 10 4.57 2.38 19.01
CA VAL A 10 3.85 3.62 18.83
C VAL A 10 2.50 3.67 19.53
N ASN A 11 1.76 2.58 19.49
CA ASN A 11 0.43 2.60 20.04
C ASN A 11 0.36 2.67 21.54
N VAL A 12 1.33 2.16 22.25
CA VAL A 12 1.36 2.41 23.74
C VAL A 12 1.86 3.81 24.09
N LEU A 13 2.45 4.51 23.11
CA LEU A 13 2.84 5.92 23.30
C LEU A 13 1.76 6.92 22.86
N ARG A 14 0.54 6.43 22.62
CA ARG A 14 -0.61 7.22 22.31
C ARG A 14 -1.69 6.90 23.35
N PRO A 15 -2.63 7.83 23.60
CA PRO A 15 -3.72 7.45 24.49
C PRO A 15 -4.53 6.29 23.93
N LYS A 16 -5.16 5.53 24.83
N LYS A 16 -5.19 5.55 24.83
CA LYS A 16 -6.00 4.41 24.45
CA LYS A 16 -6.05 4.44 24.44
C LYS A 16 -7.01 4.78 23.34
C LYS A 16 -7.07 4.81 23.37
N GLU A 17 -7.56 5.98 23.42
N GLU A 17 -7.62 6.02 23.47
CA GLU A 17 -8.58 6.42 22.48
CA GLU A 17 -8.59 6.50 22.49
C GLU A 17 -8.04 6.57 21.05
C GLU A 17 -8.04 6.52 21.06
N TYR A 18 -6.74 6.66 20.92
CA TYR A 18 -6.10 6.76 19.60
C TYR A 18 -6.34 5.49 18.75
N TRP A 19 -6.19 4.32 19.35
CA TRP A 19 -6.27 3.06 18.62
C TRP A 19 -7.54 2.27 18.93
N ASP A 20 -8.23 2.62 20.01
CA ASP A 20 -9.41 1.84 20.40
C ASP A 20 -10.62 2.37 19.59
N TYR A 21 -10.63 2.02 18.31
CA TYR A 21 -11.61 2.59 17.37
C TYR A 21 -13.06 2.18 17.63
N GLU A 22 -13.26 1.05 18.30
N GLU A 22 -13.27 1.04 18.27
CA GLU A 22 -14.62 0.60 18.60
CA GLU A 22 -14.62 0.60 18.59
C GLU A 22 -15.31 1.55 19.54
C GLU A 22 -15.31 1.55 19.54
N ALA A 23 -14.51 2.31 20.30
CA ALA A 23 -15.01 3.34 21.21
C ALA A 23 -15.30 4.68 20.58
N LEU A 24 -15.02 4.84 19.29
CA LEU A 24 -15.30 6.10 18.63
C LEU A 24 -16.78 6.46 18.54
N THR A 25 -17.08 7.72 18.80
CA THR A 25 -18.42 8.27 18.58
C THR A 25 -18.33 9.17 17.36
N VAL A 26 -19.05 8.82 16.31
CA VAL A 26 -18.98 9.53 15.05
C VAL A 26 -19.81 10.80 15.19
N GLN A 27 -19.21 11.94 14.86
CA GLN A 27 -19.92 13.20 14.78
C GLN A 27 -20.25 13.43 13.33
N TRP A 28 -21.53 13.27 13.00
CA TRP A 28 -21.99 13.29 11.63
C TRP A 28 -22.11 14.73 11.13
N GLY A 29 -21.68 14.97 9.90
CA GLY A 29 -21.86 16.27 9.25
C GLY A 29 -23.25 16.32 8.62
N GLU A 30 -23.47 17.28 7.73
N GLU A 30 -23.46 17.29 7.73
CA GLU A 30 -24.76 17.40 7.05
CA GLU A 30 -24.75 17.43 7.04
C GLU A 30 -24.66 16.94 5.61
C GLU A 30 -24.64 16.93 5.60
N GLN A 31 -25.38 15.86 5.30
CA GLN A 31 -25.32 15.22 3.98
C GLN A 31 -25.73 16.14 2.83
N ASP A 32 -26.67 17.04 3.13
CA ASP A 32 -27.16 18.05 2.18
C ASP A 32 -26.13 19.10 1.79
N ASN A 33 -24.95 19.11 2.43
CA ASN A 33 -23.87 19.99 1.99
C ASN A 33 -23.12 19.51 0.76
N TYR A 34 -23.36 18.28 0.33
CA TYR A 34 -22.55 17.64 -0.72
C TYR A 34 -23.45 17.08 -1.80
N GLU A 35 -23.14 17.41 -3.04
CA GLU A 35 -23.94 16.97 -4.16
C GLU A 35 -23.09 16.04 -5.01
N VAL A 36 -23.61 14.86 -5.35
CA VAL A 36 -22.95 13.99 -6.31
C VAL A 36 -22.96 14.65 -7.70
N VAL A 37 -21.79 14.66 -8.36
CA VAL A 37 -21.64 15.17 -9.71
C VAL A 37 -21.54 14.01 -10.71
N ARG A 38 -20.65 13.06 -10.44
CA ARG A 38 -20.53 11.87 -11.30
C ARG A 38 -19.84 10.73 -10.63
N LYS A 39 -20.03 9.52 -11.17
CA LYS A 39 -19.37 8.35 -10.65
CA LYS A 39 -19.38 8.34 -10.66
C LYS A 39 -17.94 8.29 -11.18
N VAL A 40 -17.01 7.90 -10.30
CA VAL A 40 -15.62 7.72 -10.69
C VAL A 40 -15.12 6.27 -10.54
N GLY A 41 -15.82 5.44 -9.76
CA GLY A 41 -15.40 4.06 -9.57
C GLY A 41 -16.28 3.23 -8.65
N ARG A 42 -16.20 1.91 -8.84
CA ARG A 42 -16.92 0.93 -8.02
C ARG A 42 -15.91 0.03 -7.40
N GLY A 43 -16.00 -0.14 -6.09
CA GLY A 43 -15.19 -1.08 -5.36
C GLY A 43 -16.07 -2.23 -4.95
N LYS A 44 -15.49 -3.15 -4.20
CA LYS A 44 -16.21 -4.31 -3.77
C LYS A 44 -17.35 -3.95 -2.82
N TYR A 45 -17.08 -3.11 -1.82
CA TYR A 45 -18.15 -2.60 -0.93
C TYR A 45 -18.19 -1.08 -0.73
N SER A 46 -17.51 -0.32 -1.59
CA SER A 46 -17.76 1.11 -1.62
C SER A 46 -18.04 1.56 -3.04
N GLU A 47 -18.70 2.71 -3.15
CA GLU A 47 -18.93 3.38 -4.42
CA GLU A 47 -18.88 3.38 -4.44
C GLU A 47 -18.35 4.79 -4.28
N VAL A 48 -17.66 5.28 -5.31
CA VAL A 48 -16.95 6.54 -5.23
C VAL A 48 -17.46 7.49 -6.30
N PHE A 49 -17.77 8.72 -5.87
CA PHE A 49 -18.28 9.76 -6.75
C PHE A 49 -17.46 11.03 -6.60
N GLU A 50 -17.33 11.77 -7.69
CA GLU A 50 -16.95 13.17 -7.64
C GLU A 50 -18.16 13.92 -7.14
N GLY A 51 -17.95 14.80 -6.18
CA GLY A 51 -19.00 15.61 -5.62
C GLY A 51 -18.62 17.06 -5.62
N ILE A 52 -19.52 17.88 -5.15
CA ILE A 52 -19.21 19.29 -4.94
C ILE A 52 -19.76 19.65 -3.58
N ASN A 53 -19.01 20.45 -2.83
CA ASN A 53 -19.52 21.07 -1.60
C ASN A 53 -20.36 22.27 -2.05
N VAL A 54 -21.66 22.19 -1.80
CA VAL A 54 -22.59 23.24 -2.27
C VAL A 54 -22.37 24.61 -1.59
N ASN A 55 -21.58 24.64 -0.50
CA ASN A 55 -21.33 25.88 0.26
C ASN A 55 -20.12 26.72 -0.18
N ASN A 56 -18.98 26.07 -0.31
CA ASN A 56 -17.75 26.72 -0.74
C ASN A 56 -17.40 26.41 -2.20
N ASN A 57 -18.27 25.62 -2.84
CA ASN A 57 -18.11 25.20 -4.23
C ASN A 57 -16.84 24.38 -4.57
N GLU A 58 -16.14 23.86 -3.56
CA GLU A 58 -14.95 23.05 -3.81
C GLU A 58 -15.40 21.66 -4.25
N LYS A 59 -14.63 21.08 -5.14
CA LYS A 59 -14.82 19.69 -5.54
C LYS A 59 -14.48 18.79 -4.38
N CYS A 60 -15.09 17.62 -4.34
CA CYS A 60 -14.76 16.63 -3.34
C CYS A 60 -14.96 15.25 -3.92
N ILE A 61 -14.51 14.25 -3.17
CA ILE A 61 -14.78 12.85 -3.49
C ILE A 61 -15.70 12.33 -2.42
N ILE A 62 -16.75 11.63 -2.87
CA ILE A 62 -17.74 11.06 -1.95
C ILE A 62 -17.64 9.54 -2.02
N LYS A 63 -17.36 8.91 -0.88
CA LYS A 63 -17.19 7.45 -0.80
C LYS A 63 -18.36 6.91 0.00
N ILE A 64 -19.25 6.22 -0.69
CA ILE A 64 -20.43 5.62 -0.06
C ILE A 64 -20.09 4.18 0.31
N LEU A 65 -20.11 3.89 1.60
CA LEU A 65 -19.69 2.60 2.14
C LEU A 65 -20.87 1.66 2.32
N LYS A 66 -20.86 0.56 1.55
CA LYS A 66 -21.82 -0.51 1.73
C LYS A 66 -21.69 -1.12 3.10
N PRO A 67 -22.81 -1.59 3.67
CA PRO A 67 -22.78 -2.21 4.98
C PRO A 67 -21.66 -3.23 5.16
N VAL A 68 -20.86 -2.96 6.18
CA VAL A 68 -19.82 -3.82 6.68
C VAL A 68 -19.97 -3.51 8.16
N LYS A 69 -19.31 -4.26 9.02
CA LYS A 69 -19.50 -4.04 10.45
C LYS A 69 -19.17 -2.59 10.79
N LYS A 70 -19.93 -2.03 11.73
CA LYS A 70 -19.71 -0.67 12.20
C LYS A 70 -18.29 -0.57 12.79
N LYS A 71 -17.80 -1.65 13.38
CA LYS A 71 -16.40 -1.75 13.79
C LYS A 71 -15.41 -1.36 12.64
N LYS A 72 -15.67 -1.85 11.43
CA LYS A 72 -14.86 -1.57 10.25
C LYS A 72 -15.02 -0.11 9.82
N ILE A 73 -16.24 0.42 9.78
CA ILE A 73 -16.41 1.83 9.43
C ILE A 73 -15.68 2.73 10.45
N LYS A 74 -15.82 2.41 11.74
N LYS A 74 -15.81 2.41 11.74
CA LYS A 74 -15.15 3.18 12.77
CA LYS A 74 -15.15 3.24 12.75
C LYS A 74 -13.63 3.09 12.67
C LYS A 74 -13.62 3.09 12.69
N ARG A 75 -13.13 1.93 12.29
CA ARG A 75 -11.68 1.72 12.08
C ARG A 75 -11.16 2.64 10.98
N GLU A 76 -11.86 2.63 9.85
CA GLU A 76 -11.43 3.47 8.72
C GLU A 76 -11.49 4.96 9.10
N ILE A 77 -12.57 5.38 9.75
CA ILE A 77 -12.68 6.75 10.16
C ILE A 77 -11.57 7.14 11.13
N LYS A 78 -11.35 6.30 12.15
CA LYS A 78 -10.34 6.65 13.16
C LYS A 78 -8.94 6.76 12.55
N ILE A 79 -8.62 5.85 11.64
CA ILE A 79 -7.32 5.89 10.97
C ILE A 79 -7.18 7.16 10.14
N LEU A 80 -8.20 7.49 9.35
CA LEU A 80 -8.16 8.71 8.56
C LEU A 80 -8.02 9.96 9.41
N GLN A 81 -8.72 9.99 10.55
CA GLN A 81 -8.58 11.12 11.48
C GLN A 81 -7.16 11.16 12.04
N ASN A 82 -6.59 10.00 12.40
CA ASN A 82 -5.26 9.95 13.01
C ASN A 82 -4.16 10.35 12.03
N LEU A 83 -4.41 10.07 10.74
CA LEU A 83 -3.41 10.34 9.70
C LEU A 83 -3.62 11.69 9.02
N TYR A 84 -4.68 12.42 9.41
CA TYR A 84 -5.02 13.69 8.74
C TYR A 84 -3.84 14.65 8.78
N GLY A 85 -3.55 15.22 7.62
CA GLY A 85 -2.43 16.11 7.49
C GLY A 85 -1.10 15.49 7.22
N GLY A 86 -1.02 14.15 7.21
CA GLY A 86 0.22 13.48 6.95
C GLY A 86 0.63 13.58 5.48
N PRO A 87 1.94 13.46 5.20
N PRO A 87 1.94 13.45 5.18
CA PRO A 87 2.44 13.54 3.83
CA PRO A 87 2.37 13.61 3.80
C PRO A 87 1.77 12.53 2.88
C PRO A 87 1.77 12.55 2.88
N ASN A 88 1.13 13.04 1.83
CA ASN A 88 0.58 12.21 0.77
C ASN A 88 -0.51 11.24 1.20
N ILE A 89 -1.16 11.59 2.33
N ILE A 89 -1.19 11.57 2.29
CA ILE A 89 -2.34 10.87 2.86
CA ILE A 89 -2.34 10.75 2.68
C ILE A 89 -3.57 11.60 2.35
C ILE A 89 -3.59 11.54 2.45
N VAL A 90 -4.58 10.85 1.90
N VAL A 90 -4.59 10.85 1.89
CA VAL A 90 -5.85 11.42 1.55
CA VAL A 90 -5.85 11.45 1.56
C VAL A 90 -6.42 12.16 2.78
C VAL A 90 -6.42 12.20 2.76
N LYS A 91 -7.06 13.31 2.55
N LYS A 91 -7.13 13.28 2.48
CA LYS A 91 -7.61 14.09 3.63
CA LYS A 91 -7.63 14.12 3.54
C LYS A 91 -9.11 13.91 3.74
C LYS A 91 -9.13 13.92 3.73
N LEU A 92 -9.54 13.39 4.89
CA LEU A 92 -10.95 13.22 5.24
C LEU A 92 -11.49 14.54 5.73
N LEU A 93 -12.47 15.05 5.00
CA LEU A 93 -13.09 16.36 5.34
C LEU A 93 -14.39 16.28 6.11
N ASP A 94 -15.18 15.24 5.88
CA ASP A 94 -16.44 15.09 6.57
C ASP A 94 -16.91 13.64 6.56
N ILE A 95 -17.86 13.38 7.46
CA ILE A 95 -18.52 12.08 7.59
C ILE A 95 -20.02 12.34 7.65
N VAL A 96 -20.78 11.78 6.73
CA VAL A 96 -22.23 12.03 6.62
C VAL A 96 -22.96 10.72 6.44
N ARG A 97 -24.27 10.73 6.60
CA ARG A 97 -25.09 9.57 6.22
C ARG A 97 -26.45 10.07 5.80
N ASP A 98 -27.10 9.35 4.88
CA ASP A 98 -28.43 9.78 4.46
C ASP A 98 -29.44 9.53 5.56
N GLN A 99 -30.38 10.46 5.62
CA GLN A 99 -31.34 10.59 6.70
C GLN A 99 -32.15 9.32 6.91
N HIS A 100 -32.51 8.67 5.80
CA HIS A 100 -33.42 7.54 5.83
C HIS A 100 -32.71 6.19 5.92
N SER A 101 -31.79 5.89 5.00
CA SER A 101 -31.07 4.58 5.02
C SER A 101 -29.92 4.48 6.03
N LYS A 102 -29.40 5.63 6.50
CA LYS A 102 -28.28 5.69 7.44
C LYS A 102 -26.98 5.08 6.88
N THR A 103 -26.87 5.01 5.55
CA THR A 103 -25.68 4.49 4.90
C THR A 103 -24.63 5.60 4.99
N PRO A 104 -23.46 5.30 5.57
CA PRO A 104 -22.46 6.36 5.76
C PRO A 104 -21.69 6.65 4.48
N SER A 105 -21.28 7.91 4.33
CA SER A 105 -20.42 8.37 3.24
C SER A 105 -19.24 9.14 3.83
N LEU A 106 -18.05 8.93 3.26
CA LEU A 106 -16.87 9.69 3.66
C LEU A 106 -16.65 10.74 2.59
N ILE A 107 -16.33 11.95 3.05
CA ILE A 107 -16.06 13.08 2.14
C ILE A 107 -14.56 13.40 2.18
N PHE A 108 -13.92 13.29 1.02
CA PHE A 108 -12.47 13.56 0.91
C PHE A 108 -12.22 14.80 0.06
N GLU A 109 -10.99 15.29 0.17
N GLU A 109 -11.18 15.55 0.45
CA GLU A 109 -10.45 16.31 -0.78
CA GLU A 109 -10.71 16.69 -0.34
C GLU A 109 -10.19 15.65 -2.14
C GLU A 109 -10.50 16.13 -1.72
N TYR A 110 -10.57 16.32 -3.22
N TYR A 110 -10.97 16.86 -2.72
CA TYR A 110 -10.48 15.79 -4.57
CA TYR A 110 -10.91 16.32 -4.06
C TYR A 110 -9.07 15.73 -5.15
C TYR A 110 -9.53 15.85 -4.38
N VAL A 111 -8.77 14.65 -5.88
N VAL A 111 -9.47 14.67 -4.95
CA VAL A 111 -7.48 14.52 -6.58
CA VAL A 111 -8.23 14.14 -5.45
C VAL A 111 -7.78 14.19 -8.04
C VAL A 111 -8.35 13.82 -6.93
N ASN A 112 -7.13 14.92 -8.95
N ASN A 112 -7.44 14.40 -7.72
CA ASN A 112 -7.33 14.72 -10.36
CA ASN A 112 -7.43 14.23 -9.16
C ASN A 112 -6.48 13.55 -10.83
C ASN A 112 -6.52 13.09 -9.57
N ASN A 113 -6.96 12.33 -10.56
CA ASN A 113 -6.24 11.13 -10.88
C ASN A 113 -6.28 10.81 -12.35
N THR A 114 -5.24 10.10 -12.81
CA THR A 114 -5.29 9.35 -14.04
C THR A 114 -5.11 7.86 -13.74
N ASP A 115 -6.02 7.01 -14.22
N ASP A 115 -6.04 7.03 -14.24
CA ASP A 115 -5.91 5.61 -13.89
CA ASP A 115 -5.96 5.57 -14.26
C ASP A 115 -4.58 5.09 -14.43
C ASP A 115 -4.51 5.11 -14.49
N PHE A 116 -3.95 4.29 -13.60
CA PHE A 116 -2.59 3.80 -13.82
C PHE A 116 -2.39 3.10 -15.14
N LYS A 117 -3.45 2.48 -15.68
N LYS A 117 -3.45 2.47 -15.67
CA LYS A 117 -3.29 1.81 -16.98
CA LYS A 117 -3.31 1.79 -16.97
C LYS A 117 -3.05 2.80 -18.10
C LYS A 117 -3.07 2.79 -18.11
N VAL A 118 -3.51 4.03 -17.93
CA VAL A 118 -3.24 5.11 -18.87
C VAL A 118 -1.96 5.86 -18.47
N LEU A 119 -1.81 6.11 -17.18
CA LEU A 119 -0.68 6.95 -16.70
C LEU A 119 0.67 6.25 -16.80
N TYR A 120 0.79 5.03 -16.27
CA TYR A 120 2.09 4.39 -16.18
C TYR A 120 2.85 4.28 -17.50
N PRO A 121 2.18 3.98 -18.65
CA PRO A 121 2.91 3.93 -19.88
C PRO A 121 3.54 5.24 -20.33
N THR A 122 3.08 6.38 -19.76
CA THR A 122 3.63 7.67 -20.10
C THR A 122 4.66 8.18 -19.08
N LEU A 123 5.00 7.37 -18.11
CA LEU A 123 6.00 7.75 -17.11
C LEU A 123 7.39 7.31 -17.55
N THR A 124 8.38 8.19 -17.41
CA THR A 124 9.75 7.84 -17.70
C THR A 124 10.47 7.42 -16.39
N ASP A 125 11.71 6.98 -16.55
CA ASP A 125 12.50 6.51 -15.40
C ASP A 125 12.42 7.44 -14.18
N TYR A 126 12.71 8.73 -14.37
CA TYR A 126 12.73 9.63 -13.23
C TYR A 126 11.33 9.98 -12.70
N ASP A 127 10.29 9.84 -13.54
CA ASP A 127 8.92 9.96 -13.03
C ASP A 127 8.63 8.81 -12.03
N ILE A 128 9.00 7.57 -12.39
CA ILE A 128 8.82 6.43 -11.48
C ILE A 128 9.57 6.64 -10.17
N ARG A 129 10.81 7.11 -10.28
CA ARG A 129 11.59 7.36 -9.05
C ARG A 129 10.85 8.37 -8.17
N TYR A 130 10.34 9.44 -8.78
CA TYR A 130 9.62 10.46 -8.05
C TYR A 130 8.40 9.92 -7.36
N TYR A 131 7.53 9.25 -8.10
CA TYR A 131 6.27 8.82 -7.50
C TYR A 131 6.46 7.72 -6.46
N ILE A 132 7.42 6.82 -6.68
CA ILE A 132 7.67 5.80 -5.63
C ILE A 132 8.16 6.52 -4.36
N TYR A 133 9.04 7.51 -4.50
CA TYR A 133 9.52 8.26 -3.33
C TYR A 133 8.35 8.88 -2.60
N GLU A 134 7.41 9.48 -3.34
CA GLU A 134 6.25 10.09 -2.72
C GLU A 134 5.36 9.07 -1.99
N LEU A 135 5.23 7.86 -2.56
CA LEU A 135 4.49 6.79 -1.91
C LEU A 135 5.20 6.32 -0.66
N LEU A 136 6.53 6.27 -0.71
CA LEU A 136 7.29 5.91 0.51
C LEU A 136 7.08 6.90 1.65
N LYS A 137 6.97 8.19 1.33
N LYS A 137 6.97 8.19 1.31
CA LYS A 137 6.65 9.18 2.38
CA LYS A 137 6.68 9.21 2.34
C LYS A 137 5.35 8.87 3.10
C LYS A 137 5.35 8.95 3.08
N ALA A 138 4.31 8.54 2.32
CA ALA A 138 3.05 8.20 2.90
C ALA A 138 3.14 6.95 3.77
N LEU A 139 3.85 5.92 3.31
CA LEU A 139 3.96 4.68 4.09
C LEU A 139 4.83 4.86 5.33
N ASP A 140 5.94 5.56 5.20
CA ASP A 140 6.71 5.86 6.39
C ASP A 140 5.86 6.62 7.40
N TYR A 141 5.09 7.59 6.93
CA TYR A 141 4.27 8.33 7.85
C TYR A 141 3.23 7.52 8.55
N CYS A 142 2.49 6.70 7.79
CA CYS A 142 1.46 5.91 8.47
C CYS A 142 2.06 4.88 9.42
N HIS A 143 3.16 4.28 8.98
CA HIS A 143 3.87 3.32 9.85
C HIS A 143 4.31 4.04 11.15
N SER A 144 4.83 5.28 11.01
CA SER A 144 5.35 6.03 12.16
C SER A 144 4.22 6.34 13.14
N GLN A 145 3.00 6.37 12.66
CA GLN A 145 1.82 6.63 13.46
C GLN A 145 1.06 5.34 13.83
N GLY A 146 1.74 4.21 13.74
CA GLY A 146 1.24 2.95 14.28
C GLY A 146 0.21 2.26 13.42
N ILE A 147 0.22 2.52 12.11
CA ILE A 147 -0.81 2.05 11.19
C ILE A 147 -0.19 1.33 9.99
N MET A 148 -0.71 0.17 9.66
N MET A 148 -0.72 0.14 9.70
CA MET A 148 -0.32 -0.47 8.40
CA MET A 148 -0.42 -0.62 8.48
C MET A 148 -1.49 -0.43 7.42
C MET A 148 -1.52 -0.31 7.44
N HIS A 149 -1.19 -0.09 6.17
CA HIS A 149 -2.22 0.10 5.18
C HIS A 149 -2.92 -1.19 4.76
N ARG A 150 -2.09 -2.17 4.47
CA ARG A 150 -2.50 -3.53 4.09
C ARG A 150 -3.18 -3.68 2.77
N ASP A 151 -3.20 -2.65 1.91
CA ASP A 151 -3.80 -2.83 0.57
C ASP A 151 -3.08 -1.91 -0.42
N VAL A 152 -1.76 -1.90 -0.36
CA VAL A 152 -0.99 -1.09 -1.29
C VAL A 152 -1.05 -1.75 -2.66
N LYS A 153 -1.41 -0.97 -3.67
CA LYS A 153 -1.48 -1.42 -5.08
C LYS A 153 -1.77 -0.17 -5.93
N PRO A 154 -1.55 -0.23 -7.23
CA PRO A 154 -1.73 0.97 -8.06
C PRO A 154 -3.09 1.59 -7.95
N HIS A 155 -4.12 0.72 -7.80
N HIS A 155 -4.15 0.77 -7.83
CA HIS A 155 -5.48 1.16 -7.70
CA HIS A 155 -5.48 1.33 -7.76
C HIS A 155 -5.77 2.08 -6.52
C HIS A 155 -5.71 2.20 -6.55
N ASN A 156 -4.91 2.01 -5.50
CA ASN A 156 -5.03 2.82 -4.28
C ASN A 156 -4.03 3.95 -4.19
N VAL A 157 -3.45 4.33 -5.33
CA VAL A 157 -2.48 5.43 -5.38
C VAL A 157 -2.98 6.39 -6.44
N MET A 158 -3.51 7.51 -5.99
CA MET A 158 -4.03 8.55 -6.88
C MET A 158 -2.94 9.53 -7.19
N ILE A 159 -2.83 9.90 -8.47
CA ILE A 159 -1.78 10.79 -8.93
C ILE A 159 -2.36 11.87 -9.82
N ASP A 160 -2.10 13.13 -9.44
CA ASP A 160 -2.34 14.29 -10.32
C ASP A 160 -0.97 14.62 -10.92
N HIS A 161 -0.76 14.22 -12.17
CA HIS A 161 0.54 14.19 -12.73
C HIS A 161 1.08 15.63 -12.98
N GLU A 162 0.20 16.52 -13.44
CA GLU A 162 0.60 17.90 -13.63
C GLU A 162 1.11 18.58 -12.37
N LEU A 163 0.43 18.26 -11.26
CA LEU A 163 0.82 18.86 -9.94
C LEU A 163 1.77 17.96 -9.16
N ARG A 164 2.25 16.91 -9.79
CA ARG A 164 3.07 15.86 -9.18
C ARG A 164 2.59 15.49 -7.77
N LYS A 165 1.27 15.36 -7.64
N LYS A 165 1.28 15.32 -7.64
CA LYS A 165 0.64 15.13 -6.34
CA LYS A 165 0.63 15.14 -6.34
C LYS A 165 0.20 13.69 -6.26
C LYS A 165 0.09 13.73 -6.19
N LEU A 166 0.61 13.02 -5.20
CA LEU A 166 0.28 11.61 -4.94
C LEU A 166 -0.49 11.50 -3.64
N ARG A 167 -1.55 10.70 -3.64
CA ARG A 167 -2.31 10.41 -2.42
C ARG A 167 -2.54 8.92 -2.34
N LEU A 168 -2.23 8.39 -1.19
CA LEU A 168 -2.54 7.02 -0.79
C LEU A 168 -3.96 6.97 -0.23
N ILE A 169 -4.81 6.20 -0.91
CA ILE A 169 -6.26 6.15 -0.63
C ILE A 169 -6.68 4.78 -0.12
N ASP A 170 -7.98 4.66 0.17
CA ASP A 170 -8.65 3.44 0.60
C ASP A 170 -8.02 2.77 1.79
N TRP A 171 -8.28 3.39 2.93
CA TRP A 171 -7.83 2.95 4.24
C TRP A 171 -8.80 1.99 4.90
N GLY A 172 -9.68 1.35 4.13
CA GLY A 172 -10.65 0.48 4.73
C GLY A 172 -10.15 -0.87 5.21
N LEU A 173 -8.96 -1.29 4.76
CA LEU A 173 -8.33 -2.50 5.24
C LEU A 173 -7.21 -2.20 6.23
N ALA A 174 -6.92 -0.94 6.47
CA ALA A 174 -5.80 -0.58 7.35
C ALA A 174 -6.06 -0.99 8.78
N GLU A 175 -5.00 -1.23 9.55
CA GLU A 175 -5.12 -1.61 10.96
C GLU A 175 -4.04 -0.97 11.80
N PHE A 176 -4.30 -0.89 13.10
CA PHE A 176 -3.32 -0.45 14.06
C PHE A 176 -2.36 -1.59 14.33
N TYR A 177 -1.06 -1.29 14.42
CA TYR A 177 -0.07 -2.30 14.76
C TYR A 177 0.13 -2.39 16.25
N HIS A 178 -0.10 -3.58 16.78
CA HIS A 178 0.12 -3.85 18.21
C HIS A 178 1.07 -5.05 18.28
N PRO A 179 2.26 -4.88 18.84
CA PRO A 179 3.20 -6.00 18.80
C PRO A 179 2.67 -7.21 19.57
N GLY A 180 2.76 -8.35 18.92
CA GLY A 180 2.19 -9.58 19.45
C GLY A 180 0.83 -9.91 18.89
N LYS A 181 0.18 -8.97 18.20
CA LYS A 181 -1.19 -9.24 17.74
C LYS A 181 -1.22 -10.21 16.55
N GLU A 182 -2.13 -11.20 16.61
CA GLU A 182 -2.38 -12.09 15.47
C GLU A 182 -3.48 -11.49 14.61
N TYR A 183 -3.11 -11.09 13.39
CA TYR A 183 -4.02 -10.49 12.44
C TYR A 183 -4.63 -11.48 11.48
N ASN A 184 -5.72 -11.05 10.85
N ASN A 184 -5.72 -11.05 10.84
CA ASN A 184 -6.31 -11.80 9.73
CA ASN A 184 -6.31 -11.80 9.72
C ASN A 184 -5.34 -11.72 8.55
C ASN A 184 -5.37 -11.71 8.53
N VAL A 185 -5.03 -12.86 7.95
CA VAL A 185 -4.21 -12.89 6.73
C VAL A 185 -4.99 -12.62 5.44
C VAL A 185 -5.00 -12.73 5.45
N ARG A 186 -6.34 -12.50 5.51
N ARG A 186 -6.27 -13.16 5.47
CA ARG A 186 -7.17 -12.18 4.32
CA ARG A 186 -7.13 -13.15 4.30
C ARG A 186 -7.31 -10.66 4.17
C ARG A 186 -7.78 -11.80 4.12
N VAL A 187 -6.17 -10.05 3.84
N VAL A 187 -6.94 -10.78 3.99
CA VAL A 187 -6.07 -8.61 3.61
CA VAL A 187 -7.37 -9.47 3.64
C VAL A 187 -5.26 -8.41 2.35
C VAL A 187 -6.55 -9.07 2.41
N ALA A 188 -5.18 -7.15 1.91
N ALA A 188 -7.03 -8.09 1.68
CA ALA A 188 -4.59 -6.79 0.62
CA ALA A 188 -6.21 -7.45 0.67
C ALA A 188 -5.33 -7.45 -0.50
C ALA A 188 -6.00 -8.24 -0.62
N SER A 189 -4.81 -7.32 -1.70
N SER A 189 -5.42 -7.53 -1.58
CA SER A 189 -5.45 -7.90 -2.86
CA SER A 189 -5.48 -7.93 -2.95
C SER A 189 -4.47 -8.99 -3.33
C SER A 189 -4.50 -9.07 -3.17
N ARG A 190 -4.96 -10.15 -3.80
CA ARG A 190 -4.14 -11.33 -4.03
C ARG A 190 -2.73 -11.06 -4.58
N TYR A 191 -2.65 -10.27 -5.65
CA TYR A 191 -1.38 -10.17 -6.39
C TYR A 191 -0.34 -9.38 -5.61
N PHE A 192 -0.78 -8.70 -4.56
CA PHE A 192 0.07 -7.86 -3.72
C PHE A 192 0.30 -8.42 -2.32
N LYS A 193 -0.22 -9.61 -2.05
N LYS A 193 -0.20 -9.62 -2.07
CA LYS A 193 -0.06 -10.23 -0.75
CA LYS A 193 -0.04 -10.23 -0.75
C LYS A 193 1.37 -10.68 -0.50
C LYS A 193 1.38 -10.69 -0.50
N GLY A 194 1.91 -10.37 0.68
CA GLY A 194 3.24 -10.84 1.03
C GLY A 194 3.21 -12.33 1.42
N PRO A 195 4.36 -13.00 1.32
N PRO A 195 4.37 -13.00 1.36
CA PRO A 195 4.49 -14.40 1.71
CA PRO A 195 4.42 -14.41 1.70
C PRO A 195 3.98 -14.69 3.12
C PRO A 195 3.95 -14.69 3.12
N GLU A 196 4.15 -13.75 4.05
CA GLU A 196 3.60 -13.92 5.40
C GLU A 196 2.11 -14.22 5.43
N LEU A 197 1.36 -13.60 4.53
CA LEU A 197 -0.08 -13.82 4.46
C LEU A 197 -0.35 -15.21 3.89
N LEU A 198 0.46 -15.60 2.94
CA LEU A 198 0.25 -16.79 2.14
C LEU A 198 0.65 -18.07 2.88
N VAL A 199 1.45 -17.93 3.94
CA VAL A 199 1.86 -19.06 4.80
C VAL A 199 1.26 -19.00 6.21
N ASP A 200 0.29 -18.11 6.41
N ASP A 200 0.30 -18.10 6.40
CA ASP A 200 -0.44 -17.99 7.67
CA ASP A 200 -0.46 -17.96 7.64
C ASP A 200 0.38 -17.51 8.86
C ASP A 200 0.37 -17.51 8.83
N LEU A 201 1.32 -16.61 8.58
CA LEU A 201 2.10 -15.99 9.63
C LEU A 201 1.27 -14.76 10.06
N GLN A 202 0.55 -14.87 11.18
CA GLN A 202 -0.43 -13.90 11.57
C GLN A 202 0.15 -12.70 12.29
N ASP A 203 1.32 -12.82 12.89
CA ASP A 203 1.91 -11.71 13.63
C ASP A 203 2.84 -10.89 12.74
N TYR A 204 2.27 -10.43 11.64
CA TYR A 204 2.98 -9.60 10.69
C TYR A 204 2.91 -8.13 11.09
N ASP A 205 3.52 -7.27 10.28
CA ASP A 205 3.67 -5.86 10.67
C ASP A 205 3.69 -4.96 9.44
N TYR A 206 4.08 -3.70 9.61
CA TYR A 206 4.20 -2.70 8.56
C TYR A 206 4.89 -3.21 7.34
N SER A 207 5.85 -4.12 7.52
CA SER A 207 6.67 -4.62 6.43
C SER A 207 5.85 -5.33 5.34
N LEU A 208 4.62 -5.70 5.66
N LEU A 208 4.63 -5.74 5.64
CA LEU A 208 3.70 -6.24 4.64
CA LEU A 208 3.78 -6.30 4.55
C LEU A 208 3.60 -5.25 3.49
C LEU A 208 3.54 -5.24 3.47
N ASP A 209 3.44 -3.98 3.85
CA ASP A 209 3.23 -2.93 2.88
C ASP A 209 4.43 -2.75 1.93
N MET A 210 5.62 -3.09 2.44
CA MET A 210 6.80 -3.01 1.64
C MET A 210 6.93 -4.13 0.60
N TRP A 211 6.42 -5.30 0.92
CA TRP A 211 6.26 -6.32 -0.13
C TRP A 211 5.30 -5.84 -1.20
N SER A 212 4.14 -5.35 -0.78
CA SER A 212 3.15 -4.88 -1.76
C SER A 212 3.72 -3.80 -2.65
N LEU A 213 4.47 -2.88 -2.05
N LEU A 213 4.46 -2.86 -2.07
CA LEU A 213 5.14 -1.82 -2.82
CA LEU A 213 5.12 -1.78 -2.86
C LEU A 213 6.10 -2.45 -3.83
C LEU A 213 6.15 -2.39 -3.83
N GLY A 214 6.89 -3.41 -3.37
CA GLY A 214 7.79 -4.16 -4.27
C GLY A 214 7.08 -4.72 -5.48
N CYS A 215 5.91 -5.33 -5.25
CA CYS A 215 5.15 -5.89 -6.35
C CYS A 215 4.77 -4.83 -7.34
N MET A 216 4.24 -3.72 -6.81
N MET A 216 4.24 -3.70 -6.83
CA MET A 216 3.86 -2.55 -7.63
CA MET A 216 3.87 -2.56 -7.68
C MET A 216 5.07 -2.06 -8.43
C MET A 216 5.10 -2.10 -8.46
N PHE A 217 6.20 -1.92 -7.75
CA PHE A 217 7.40 -1.42 -8.37
C PHE A 217 7.94 -2.33 -9.51
N ALA A 218 7.97 -3.63 -9.26
CA ALA A 218 8.34 -4.58 -10.29
C ALA A 218 7.42 -4.48 -11.49
N GLY A 219 6.13 -4.33 -11.22
CA GLY A 219 5.17 -4.16 -12.30
C GLY A 219 5.43 -2.95 -13.16
N MET A 220 5.84 -1.87 -12.53
CA MET A 220 6.15 -0.61 -13.25
C MET A 220 7.41 -0.70 -14.07
N ILE A 221 8.53 -1.09 -13.46
CA ILE A 221 9.82 -1.02 -14.17
C ILE A 221 9.91 -2.12 -15.23
N PHE A 222 9.22 -3.24 -15.02
CA PHE A 222 9.29 -4.37 -15.99
C PHE A 222 8.13 -4.40 -16.93
N ARG A 223 7.14 -3.54 -16.73
CA ARG A 223 5.92 -3.56 -17.56
C ARG A 223 5.30 -4.93 -17.62
N LYS A 224 5.14 -5.52 -16.44
N LYS A 224 5.09 -5.49 -16.43
CA LYS A 224 4.57 -6.84 -16.27
CA LYS A 224 4.52 -6.82 -16.28
C LYS A 224 3.67 -6.70 -15.06
C LYS A 224 3.61 -6.71 -15.07
N GLU A 225 2.39 -6.43 -15.30
N GLU A 225 2.34 -6.48 -15.31
CA GLU A 225 1.46 -6.18 -14.23
CA GLU A 225 1.39 -6.14 -14.27
C GLU A 225 0.17 -7.00 -14.40
C GLU A 225 0.12 -6.95 -14.41
N PRO A 226 -0.30 -7.67 -13.33
N PRO A 226 -0.29 -7.63 -13.33
CA PRO A 226 0.41 -7.82 -12.04
CA PRO A 226 0.48 -7.71 -12.09
C PRO A 226 1.68 -8.67 -12.20
C PRO A 226 1.71 -8.59 -12.24
N PHE A 227 2.72 -8.36 -11.40
CA PHE A 227 3.98 -9.05 -11.55
C PHE A 227 3.91 -10.52 -11.12
N PHE A 228 3.21 -10.78 -10.02
CA PHE A 228 3.01 -12.12 -9.50
C PHE A 228 1.53 -12.44 -9.65
N TYR A 229 1.18 -13.26 -10.63
CA TYR A 229 -0.23 -13.38 -11.08
C TYR A 229 -0.79 -14.76 -10.77
N GLY A 230 -1.03 -15.03 -9.50
CA GLY A 230 -1.54 -16.33 -9.10
C GLY A 230 -3.02 -16.45 -9.26
N HIS A 231 -3.50 -17.69 -9.49
CA HIS A 231 -4.92 -17.88 -9.67
C HIS A 231 -5.77 -18.11 -8.45
N ASP A 232 -5.11 -18.22 -7.28
CA ASP A 232 -5.71 -18.31 -5.98
C ASP A 232 -4.60 -18.06 -4.95
N ASN A 233 -4.95 -18.07 -3.67
CA ASN A 233 -3.91 -17.74 -2.65
C ASN A 233 -2.75 -18.73 -2.60
N HIS A 234 -3.02 -20.03 -2.84
CA HIS A 234 -1.93 -20.98 -2.93
C HIS A 234 -1.04 -20.74 -4.12
N ASP A 235 -1.62 -20.59 -5.30
CA ASP A 235 -0.90 -20.36 -6.51
C ASP A 235 -0.14 -19.02 -6.47
N GLN A 236 -0.64 -18.06 -5.72
CA GLN A 236 0.12 -16.81 -5.50
C GLN A 236 1.50 -17.10 -4.91
N LEU A 237 1.56 -17.98 -3.91
CA LEU A 237 2.87 -18.36 -3.36
C LEU A 237 3.71 -19.10 -4.38
N VAL A 238 3.07 -19.94 -5.20
CA VAL A 238 3.78 -20.65 -6.21
C VAL A 238 4.42 -19.69 -7.22
N LYS A 239 3.68 -18.66 -7.63
CA LYS A 239 4.22 -17.69 -8.58
C LYS A 239 5.41 -16.92 -7.99
N ILE A 240 5.36 -16.63 -6.68
CA ILE A 240 6.49 -15.97 -6.03
C ILE A 240 7.70 -16.90 -5.97
N ALA A 241 7.44 -18.16 -5.59
CA ALA A 241 8.51 -19.16 -5.43
C ALA A 241 9.21 -19.44 -6.76
N LYS A 242 8.48 -19.35 -7.87
N LYS A 242 8.48 -19.37 -7.87
CA LYS A 242 9.06 -19.53 -9.22
CA LYS A 242 9.08 -19.53 -9.20
C LYS A 242 9.97 -18.37 -9.66
C LYS A 242 10.12 -18.45 -9.51
N VAL A 243 10.01 -17.29 -8.87
CA VAL A 243 10.95 -16.19 -9.06
C VAL A 243 12.03 -16.13 -7.99
N LEU A 244 11.62 -16.07 -6.73
N LEU A 244 11.63 -16.07 -6.73
CA LEU A 244 12.56 -15.98 -5.62
CA LEU A 244 12.58 -15.98 -5.64
C LEU A 244 13.26 -17.31 -5.31
C LEU A 244 13.29 -17.30 -5.36
N GLY A 245 12.69 -18.42 -5.79
CA GLY A 245 13.22 -19.74 -5.52
C GLY A 245 12.72 -20.31 -4.23
N THR A 246 12.74 -21.63 -4.11
CA THR A 246 12.26 -22.29 -2.90
C THR A 246 13.28 -22.43 -1.79
N ASP A 247 14.58 -22.30 -2.09
CA ASP A 247 15.59 -22.36 -1.04
C ASP A 247 15.37 -21.25 -0.01
N GLY A 248 15.12 -20.04 -0.51
CA GLY A 248 14.81 -18.92 0.39
C GLY A 248 13.51 -19.08 1.17
N LEU A 249 12.54 -19.73 0.54
CA LEU A 249 11.26 -20.00 1.21
C LEU A 249 11.46 -20.94 2.39
N ASN A 250 12.24 -22.00 2.17
CA ASN A 250 12.46 -22.96 3.25
C ASN A 250 13.22 -22.37 4.42
N VAL A 251 14.20 -21.50 4.13
CA VAL A 251 14.94 -20.78 5.17
C VAL A 251 13.96 -19.94 6.01
N TYR A 252 13.08 -19.22 5.32
CA TYR A 252 12.10 -18.37 5.96
C TYR A 252 11.17 -19.17 6.88
N LEU A 253 10.61 -20.27 6.35
CA LEU A 253 9.66 -21.07 7.09
C LEU A 253 10.34 -21.63 8.37
N ASN A 254 11.60 -22.08 8.21
N ASN A 254 11.59 -22.07 8.22
CA ASN A 254 12.38 -22.58 9.34
CA ASN A 254 12.33 -22.58 9.35
C ASN A 254 12.61 -21.53 10.40
C ASN A 254 12.60 -21.52 10.40
N LYS A 255 12.99 -20.33 9.96
CA LYS A 255 13.25 -19.23 10.91
C LYS A 255 12.03 -18.87 11.76
N TYR A 256 10.87 -18.85 11.14
CA TYR A 256 9.66 -18.40 11.83
C TYR A 256 8.83 -19.58 12.36
N ARG A 257 9.39 -20.77 12.27
CA ARG A 257 8.77 -21.99 12.82
C ARG A 257 7.41 -22.28 12.20
N ILE A 258 7.32 -22.09 10.88
CA ILE A 258 6.06 -22.22 10.15
C ILE A 258 6.07 -23.56 9.49
N GLU A 259 4.93 -24.25 9.61
N GLU A 259 4.95 -24.28 9.59
CA GLU A 259 4.67 -25.53 8.97
CA GLU A 259 4.80 -25.55 8.90
C GLU A 259 3.81 -25.23 7.74
C GLU A 259 3.84 -25.30 7.75
N LEU A 260 4.35 -25.45 6.55
CA LEU A 260 3.60 -25.23 5.33
C LEU A 260 2.49 -26.27 5.20
N ASP A 261 1.29 -25.83 4.88
CA ASP A 261 0.16 -26.72 4.58
C ASP A 261 0.62 -27.77 3.57
N PRO A 262 0.35 -29.08 3.81
CA PRO A 262 0.76 -30.13 2.88
C PRO A 262 0.34 -29.93 1.39
N GLN A 263 -0.90 -29.52 1.15
N GLN A 263 -0.91 -29.54 1.14
CA GLN A 263 -1.32 -29.26 -0.23
CA GLN A 263 -1.36 -29.27 -0.24
C GLN A 263 -0.47 -28.16 -0.81
C GLN A 263 -0.56 -28.12 -0.83
N LEU A 264 -0.33 -27.08 -0.04
CA LEU A 264 0.47 -25.95 -0.49
C LEU A 264 1.91 -26.34 -0.75
N GLU A 265 2.50 -27.15 0.12
N GLU A 265 2.51 -27.15 0.13
CA GLU A 265 3.86 -27.60 -0.08
CA GLU A 265 3.89 -27.59 -0.10
C GLU A 265 4.05 -28.34 -1.40
C GLU A 265 4.04 -28.33 -1.43
N ALA A 266 3.07 -29.19 -1.74
CA ALA A 266 3.10 -29.94 -3.01
C ALA A 266 2.98 -29.00 -4.21
N LEU A 267 2.10 -28.00 -4.09
CA LEU A 267 1.92 -27.03 -5.18
C LEU A 267 3.19 -26.22 -5.45
N VAL A 268 3.91 -25.85 -4.38
CA VAL A 268 5.09 -25.01 -4.50
C VAL A 268 6.24 -25.76 -5.15
N GLY A 269 6.36 -27.05 -4.84
CA GLY A 269 7.42 -27.87 -5.43
C GLY A 269 8.79 -27.34 -5.11
N ARG A 270 9.66 -27.28 -6.12
N ARG A 270 9.68 -27.33 -6.12
CA ARG A 270 11.05 -26.86 -5.93
CA ARG A 270 11.07 -26.87 -5.97
C ARG A 270 11.46 -26.04 -7.15
C ARG A 270 11.47 -26.03 -7.18
N HIS A 271 12.05 -24.86 -6.92
CA HIS A 271 12.38 -23.92 -8.01
C HIS A 271 13.65 -23.15 -7.69
N SER A 272 14.46 -22.93 -8.72
N SER A 272 14.46 -22.93 -8.71
CA SER A 272 15.65 -22.11 -8.59
CA SER A 272 15.65 -22.11 -8.56
C SER A 272 15.24 -20.63 -8.58
C SER A 272 15.24 -20.63 -8.58
N ARG A 273 16.08 -19.80 -7.99
CA ARG A 273 15.92 -18.34 -8.03
C ARG A 273 16.20 -17.86 -9.44
N LYS A 274 15.31 -17.01 -9.96
CA LYS A 274 15.44 -16.38 -11.25
C LYS A 274 16.04 -14.98 -11.01
N PRO A 275 17.14 -14.64 -11.71
N PRO A 275 17.14 -14.64 -11.70
CA PRO A 275 17.73 -13.31 -11.62
CA PRO A 275 17.71 -13.30 -11.53
C PRO A 275 16.75 -12.23 -12.11
C PRO A 275 16.77 -12.23 -12.10
N TRP A 276 16.80 -11.06 -11.48
CA TRP A 276 15.90 -9.96 -11.87
C TRP A 276 16.16 -9.51 -13.29
N THR A 277 17.39 -9.68 -13.76
CA THR A 277 17.74 -9.32 -15.14
C THR A 277 16.95 -10.10 -16.19
N LYS A 278 16.42 -11.27 -15.83
N LYS A 278 16.41 -11.26 -15.83
CA LYS A 278 15.58 -12.04 -16.75
CA LYS A 278 15.58 -12.03 -16.75
C LYS A 278 14.30 -11.33 -17.18
C LYS A 278 14.30 -11.32 -17.18
N PHE A 279 13.84 -10.34 -16.41
CA PHE A 279 12.63 -9.61 -16.73
C PHE A 279 12.88 -8.39 -17.64
N ILE A 280 14.14 -8.07 -17.90
CA ILE A 280 14.48 -6.94 -18.75
C ILE A 280 14.20 -7.32 -20.21
N ASN A 281 13.61 -6.42 -20.97
CA ASN A 281 13.44 -6.62 -22.41
C ASN A 281 13.58 -5.29 -23.13
N ALA A 282 13.48 -5.32 -24.46
CA ALA A 282 13.67 -4.09 -25.23
C ALA A 282 12.69 -2.99 -24.90
N ASP A 283 11.45 -3.35 -24.55
N ASP A 283 11.46 -3.36 -24.53
CA ASP A 283 10.42 -2.39 -24.26
CA ASP A 283 10.39 -2.40 -24.26
C ASP A 283 10.63 -1.70 -22.90
C ASP A 283 10.42 -1.80 -22.83
N ASN A 284 11.08 -2.45 -21.90
CA ASN A 284 11.22 -1.88 -20.55
C ASN A 284 12.60 -1.44 -20.15
N GLN A 285 13.61 -1.67 -20.99
N GLN A 285 13.62 -1.68 -20.97
CA GLN A 285 15.00 -1.52 -20.56
CA GLN A 285 14.99 -1.53 -20.47
C GLN A 285 15.34 -0.11 -20.11
C GLN A 285 15.36 -0.10 -20.10
N HIS A 286 14.67 0.88 -20.67
CA HIS A 286 14.90 2.29 -20.31
C HIS A 286 14.50 2.63 -18.86
N LEU A 287 13.70 1.77 -18.25
CA LEU A 287 13.28 1.95 -16.85
C LEU A 287 14.08 1.20 -15.85
N VAL A 288 14.98 0.36 -16.32
N VAL A 288 15.04 0.38 -16.29
CA VAL A 288 15.75 -0.50 -15.45
CA VAL A 288 15.70 -0.60 -15.39
C VAL A 288 17.14 0.10 -15.35
C VAL A 288 17.21 -0.40 -15.24
N SER A 289 17.64 0.17 -14.15
CA SER A 289 19.03 0.52 -13.87
C SER A 289 19.53 -0.50 -12.86
N HIS A 290 20.85 -0.54 -12.64
CA HIS A 290 21.36 -1.31 -11.50
C HIS A 290 20.72 -0.86 -10.20
N GLU A 291 20.49 0.44 -10.02
CA GLU A 291 19.93 0.96 -8.78
C GLU A 291 18.47 0.49 -8.62
N ALA A 292 17.70 0.45 -9.71
CA ALA A 292 16.31 0.00 -9.63
C ALA A 292 16.27 -1.47 -9.20
N ILE A 293 17.12 -2.29 -9.83
CA ILE A 293 17.17 -3.73 -9.47
C ILE A 293 17.61 -3.93 -8.04
N ASP A 294 18.62 -3.20 -7.59
CA ASP A 294 19.08 -3.35 -6.21
C ASP A 294 17.98 -2.99 -5.21
N PHE A 295 17.28 -1.91 -5.50
CA PHE A 295 16.16 -1.48 -4.66
C PHE A 295 15.06 -2.54 -4.65
N LEU A 296 14.63 -2.99 -5.82
CA LEU A 296 13.63 -4.05 -5.89
C LEU A 296 14.02 -5.29 -5.10
N ASP A 297 15.25 -5.73 -5.33
CA ASP A 297 15.76 -6.94 -4.65
C ASP A 297 15.70 -6.82 -3.13
N LYS A 298 15.80 -5.60 -2.61
N LYS A 298 15.79 -5.60 -2.62
CA LYS A 298 15.77 -5.37 -1.16
CA LYS A 298 15.78 -5.35 -1.17
C LYS A 298 14.34 -5.18 -0.61
C LYS A 298 14.34 -5.22 -0.61
N LEU A 299 13.34 -5.16 -1.49
CA LEU A 299 11.92 -5.17 -1.10
C LEU A 299 11.31 -6.56 -1.16
N LEU A 300 11.54 -7.26 -2.27
CA LEU A 300 10.93 -8.57 -2.51
C LEU A 300 11.78 -9.67 -1.91
N ARG A 301 11.74 -9.74 -0.59
CA ARG A 301 12.38 -10.83 0.19
C ARG A 301 11.32 -11.53 0.98
N TYR A 302 11.42 -12.85 1.07
CA TYR A 302 10.50 -13.59 1.88
C TYR A 302 10.46 -13.09 3.32
N ASP A 303 11.63 -12.95 3.92
CA ASP A 303 11.77 -12.54 5.30
C ASP A 303 11.34 -11.07 5.44
N HIS A 304 10.17 -10.88 6.02
CA HIS A 304 9.63 -9.54 6.26
C HIS A 304 10.56 -8.67 7.07
N GLN A 305 11.29 -9.25 8.02
N GLN A 305 11.35 -9.24 7.97
CA GLN A 305 12.21 -8.45 8.82
CA GLN A 305 12.31 -8.42 8.72
C GLN A 305 13.47 -8.01 8.08
C GLN A 305 13.50 -7.95 7.88
N ASP A 306 13.76 -8.59 6.90
N ASP A 306 13.83 -8.69 6.83
CA ASP A 306 14.93 -8.25 6.11
CA ASP A 306 14.96 -8.34 5.98
C ASP A 306 14.65 -7.22 5.01
C ASP A 306 14.60 -7.47 4.77
N ARG A 307 13.37 -6.96 4.72
CA ARG A 307 13.00 -5.98 3.71
C ARG A 307 13.39 -4.58 4.17
N LEU A 308 13.66 -3.69 3.23
CA LEU A 308 13.80 -2.29 3.55
C LEU A 308 12.51 -1.83 4.23
N THR A 309 12.66 -0.93 5.22
CA THR A 309 11.52 -0.20 5.71
C THR A 309 11.26 0.96 4.72
N ALA A 310 10.15 1.66 4.87
CA ALA A 310 9.88 2.80 3.98
C ALA A 310 10.94 3.89 4.15
N ARG A 311 11.32 4.21 5.38
CA ARG A 311 12.28 5.26 5.61
C ARG A 311 13.66 4.86 5.11
N GLU A 312 14.03 3.60 5.29
CA GLU A 312 15.31 3.09 4.73
C GLU A 312 15.31 3.16 3.23
N ALA A 313 14.19 2.80 2.61
CA ALA A 313 14.05 2.85 1.18
C ALA A 313 14.32 4.24 0.62
N MET A 314 13.85 5.26 1.33
N MET A 314 13.84 5.26 1.31
CA MET A 314 14.00 6.65 0.88
CA MET A 314 14.01 6.63 0.83
C MET A 314 15.46 7.06 0.75
C MET A 314 15.45 7.07 0.76
N THR A 315 16.33 6.36 1.49
CA THR A 315 17.78 6.62 1.43
C THR A 315 18.48 5.91 0.29
N HIS A 316 17.80 5.05 -0.46
CA HIS A 316 18.47 4.21 -1.45
C HIS A 316 18.97 5.10 -2.61
N PRO A 317 20.13 4.80 -3.19
CA PRO A 317 20.64 5.56 -4.35
C PRO A 317 19.68 5.75 -5.53
N TYR A 318 18.74 4.83 -5.71
CA TYR A 318 17.72 4.96 -6.76
C TYR A 318 17.02 6.33 -6.68
N PHE A 319 16.84 6.83 -5.47
CA PHE A 319 16.13 8.09 -5.21
C PHE A 319 17.01 9.32 -5.01
N GLN A 320 18.29 9.21 -5.37
N GLN A 320 18.28 9.23 -5.35
CA GLN A 320 19.27 10.29 -5.17
CA GLN A 320 19.19 10.32 -5.00
C GLN A 320 18.73 11.65 -5.58
C GLN A 320 18.84 11.67 -5.63
N GLN A 321 18.24 11.70 -6.81
CA GLN A 321 17.83 13.01 -7.36
C GLN A 321 16.61 13.65 -6.69
N VAL A 322 15.52 12.91 -6.56
CA VAL A 322 14.35 13.44 -5.92
C VAL A 322 14.69 13.85 -4.46
N ARG A 323 15.45 13.02 -3.76
N ARG A 323 15.45 13.03 -3.75
CA ARG A 323 15.81 13.29 -2.38
CA ARG A 323 15.78 13.37 -2.37
C ARG A 323 16.61 14.57 -2.28
C ARG A 323 16.66 14.61 -2.30
N ALA A 324 17.58 14.75 -3.15
N ALA A 324 17.61 14.76 -3.21
CA ALA A 324 18.40 15.97 -3.13
CA ALA A 324 18.46 15.95 -3.22
C ALA A 324 17.55 17.20 -3.48
C ALA A 324 17.65 17.20 -3.57
N ALA A 325 16.70 17.06 -4.47
CA ALA A 325 15.83 18.20 -4.90
C ALA A 325 14.89 18.67 -3.80
N GLU A 326 14.28 17.76 -3.06
N GLU A 326 14.31 17.74 -3.06
CA GLU A 326 13.35 18.20 -2.04
CA GLU A 326 13.37 18.07 -2.00
C GLU A 326 14.08 18.73 -0.81
C GLU A 326 14.11 18.68 -0.82
N ASN A 327 15.27 18.21 -0.55
N ASN A 327 15.30 18.16 -0.53
CA ASN A 327 16.09 18.72 0.56
CA ASN A 327 16.12 18.69 0.55
C ASN A 327 16.47 20.18 0.33
C ASN A 327 16.47 20.17 0.33
N SER A 328 16.70 20.55 -0.92
CA SER A 328 17.02 21.95 -1.28
C SER A 328 15.85 22.88 -0.93
N THR A 329 14.62 22.42 -1.22
CA THR A 329 13.43 23.24 -1.00
CA THR A 329 13.41 23.23 -1.01
C THR A 329 13.11 23.43 0.49
N THR A 330 13.40 22.43 1.31
CA THR A 330 13.22 22.54 2.76
C THR A 330 14.24 23.48 3.42
N ARG A 331 15.43 23.55 2.81
N ARG A 331 15.46 23.57 2.89
CA ARG A 331 16.49 24.49 3.21
CA ARG A 331 16.42 24.59 3.36
C ARG A 331 16.04 25.94 2.92
C ARG A 331 15.97 26.00 2.98
N ALA A 332 15.42 26.14 1.77
CA ALA A 332 14.84 27.42 1.34
C ALA A 332 13.63 27.83 2.19
N LEU A 333 12.90 26.84 2.70
CA LEU A 333 11.76 27.07 3.61
C LEU A 333 12.22 27.75 4.91
C1 7M0 B . -10.08 9.75 -5.09
C1 7M0 B . -10.58 8.55 -3.30
C2 7M0 B . -10.00 10.14 -3.75
C2 7M0 B . -10.36 9.23 -2.11
C3 7M0 B . -10.45 9.28 -2.76
C3 7M0 B . -10.44 8.51 -0.93
C4 7M0 B . -10.65 8.51 -5.43
C4 7M0 B . -10.93 7.21 -3.27
N5 7M0 B . -11.57 6.44 -4.44
N5 7M0 B . -11.28 5.29 -1.78
C6 7M0 B . -11.05 7.69 -4.42
C6 7M0 B . -11.00 6.54 -2.07
C7 7M0 B . -10.96 8.07 -3.11
C7 7M0 B . -10.76 7.20 -0.91
N8 7M0 B . -11.41 7.06 -2.36
N8 7M0 B . -10.85 6.28 0.07
N9 7M0 B . -11.79 6.06 -3.18
N9 7M0 B . -11.16 5.15 -0.45
BR1 7M0 B . -9.45 10.85 -6.51
BR1 7M0 B . -10.31 9.45 -4.93
BR2 7M0 B . -9.33 11.81 -3.30
BR2 7M0 B . -9.93 11.08 -2.05
O1 TLA C . -6.73 -8.32 10.89
O11 TLA C . -8.41 -6.99 10.23
C1 TLA C . -7.86 -7.77 11.06
C2 TLA C . -8.66 -8.12 12.30
O2 TLA C . -9.85 -7.30 12.35
C3 TLA C . -7.85 -7.97 13.59
O3 TLA C . -7.34 -6.64 13.61
C4 TLA C . -8.67 -8.23 14.84
O4 TLA C . -9.04 -9.40 15.12
O41 TLA C . -8.95 -7.27 15.58
C FMT D . -6.12 14.80 -0.13
O1 FMT D . -5.79 15.69 -0.91
O2 FMT D . -7.23 14.12 -0.36
S DMS E . 20.25 -10.20 -9.97
O DMS E . 18.88 -10.57 -9.54
C1 DMS E . 20.28 -9.62 -11.55
C2 DMS E . 20.91 -8.88 -9.09
C ACT F . 19.95 -9.84 -9.90
O ACT F . 20.59 -9.02 -9.20
OXT ACT F . 19.19 -10.73 -9.44
CH3 ACT F . 20.10 -9.73 -11.37
C1 EDO G . -2.39 18.75 10.71
O1 EDO G . -2.50 19.47 9.48
C2 EDO G . -1.18 17.81 10.61
O2 EDO G . -1.38 16.61 11.36
C1 BME H . -11.03 14.02 15.53
C2 BME H . -9.61 14.58 15.46
O1 BME H . -12.00 15.06 15.33
S2 BME H . -9.21 15.09 13.77
O1 TLA I . -9.77 7.67 -10.97
O11 TLA I . -10.87 8.27 -9.14
C1 TLA I . -10.38 8.54 -10.26
C2 TLA I . -10.49 9.95 -10.79
O2 TLA I . -11.22 10.77 -9.88
C3 TLA I . -11.05 10.02 -12.22
O3 TLA I . -12.39 9.50 -12.29
C4 TLA I . -11.02 11.44 -12.75
O4 TLA I . -10.52 12.38 -12.08
O41 TLA I . -11.49 11.63 -13.89
C1 GOL J . 19.84 4.20 -16.70
O1 GOL J . 19.45 5.15 -15.70
C2 GOL J . 18.77 3.13 -16.89
O2 GOL J . 17.52 3.64 -16.45
C3 GOL J . 18.66 2.76 -18.36
O3 GOL J . 18.95 1.36 -18.57
C1 EDO K . 21.25 -2.71 -15.85
C1 EDO K . 21.41 -2.90 -15.62
O1 EDO K . 20.69 -2.40 -17.14
O1 EDO K . 20.54 -2.51 -16.67
C2 EDO K . 21.48 -4.23 -15.76
C2 EDO K . 21.19 -4.36 -15.27
O2 EDO K . 21.42 -4.67 -14.39
O2 EDO K . 21.80 -5.19 -16.29
#